data_6Y9F
#
_entry.id   6Y9F
#
_cell.length_a   71.420
_cell.length_b   71.420
_cell.length_c   225.760
_cell.angle_alpha   90.000
_cell.angle_beta   90.000
_cell.angle_gamma   120.000
#
_symmetry.space_group_name_H-M   'P 65 2 2'
#
loop_
_entity.id
_entity.type
_entity.pdbx_description
1 polymer 'Ancestral haloalkane dehalogenase AncHLD3'
2 non-polymer '2-[N-CYCLOHEXYLAMINO]ETHANE SULFONIC ACID'
3 water water
#
_entity_poly.entity_id   1
_entity_poly.type   'polypeptide(L)'
_entity_poly.pdbx_seq_one_letter_code
;MSAAAAIERRHVAVLDSTMSYVETGASDGPTVLFLHGNPTSSYIWRNIIPHVAPLGRCIAPDLIGFGQSGKPDIDYRFFD
HVRYLDAFIDALGIQDVVLVAQDWGTALAFHLAARRPDRVRGLAFMEFIRPMPTWDDFHQRPQAREMFKAFRTPGVGEKM
ILEDNVFVEKVLPGSVLRTLSEEEMAVYRAPFPTPESRKPVLRFPRELPIEGEPADVAAILESAHRALAASTYPKLLFAG
DPGALISPQAAERFAANLKNCRLINLGPGLHYLQEDHPDAIGRTIAGWLPEIAAASRTAEAHHHHHH
;
_entity_poly.pdbx_strand_id   A
#
loop_
_chem_comp.id
_chem_comp.type
_chem_comp.name
_chem_comp.formula
NHE non-polymer '2-[N-CYCLOHEXYLAMINO]ETHANE SULFONIC ACID' 'C8 H17 N O3 S'
#
# COMPACT_ATOMS: atom_id res chain seq x y z
N ALA A 6 -1.19 24.54 -2.73
CA ALA A 6 -1.41 23.91 -4.03
C ALA A 6 -1.72 22.42 -3.87
N ILE A 7 -2.91 22.12 -3.36
CA ILE A 7 -3.32 20.75 -3.06
C ILE A 7 -4.84 20.67 -3.17
N GLU A 8 -5.32 19.57 -3.71
CA GLU A 8 -6.75 19.44 -4.00
C GLU A 8 -7.13 17.97 -3.96
N ARG A 9 -8.33 17.69 -3.43
CA ARG A 9 -8.95 16.40 -3.63
C ARG A 9 -9.83 16.46 -4.88
N ARG A 10 -9.62 15.52 -5.79
CA ARG A 10 -10.34 15.46 -7.05
C ARG A 10 -10.94 14.08 -7.24
N HIS A 11 -11.72 13.96 -8.31
CA HIS A 11 -12.36 12.72 -8.69
C HIS A 11 -12.24 12.55 -10.19
N VAL A 12 -12.19 11.30 -10.64
CA VAL A 12 -12.07 10.99 -12.06
C VAL A 12 -12.89 9.74 -12.37
N ALA A 13 -13.56 9.76 -13.52
CA ALA A 13 -14.29 8.59 -13.98
C ALA A 13 -13.30 7.49 -14.36
N VAL A 14 -13.52 6.29 -13.84
CA VAL A 14 -12.65 5.14 -14.08
C VAL A 14 -13.56 3.93 -14.28
N LEU A 15 -13.47 3.30 -15.45
CA LEU A 15 -14.26 2.12 -15.76
C LEU A 15 -15.73 2.34 -15.44
N ASP A 16 -16.31 1.54 -14.54
CA ASP A 16 -17.73 1.62 -14.22
C ASP A 16 -18.03 2.56 -13.05
N SER A 17 -17.06 3.36 -12.60
CA SER A 17 -17.21 4.12 -11.37
C SER A 17 -16.36 5.38 -11.38
N THR A 18 -15.98 5.87 -10.20
CA THR A 18 -15.06 6.98 -10.06
C THR A 18 -14.02 6.64 -9.02
N MET A 19 -12.86 7.29 -9.11
CA MET A 19 -11.88 7.22 -8.04
C MET A 19 -11.54 8.63 -7.58
N SER A 20 -11.27 8.75 -6.29
CA SER A 20 -10.84 10.00 -5.69
C SER A 20 -9.33 9.99 -5.52
N TYR A 21 -8.74 11.17 -5.53
CA TYR A 21 -7.30 11.26 -5.36
C TYR A 21 -6.93 12.64 -4.86
N VAL A 22 -5.80 12.72 -4.18
CA VAL A 22 -5.21 13.99 -3.80
C VAL A 22 -4.08 14.30 -4.78
N GLU A 23 -4.01 15.56 -5.20
CA GLU A 23 -3.04 16.02 -6.17
C GLU A 23 -2.42 17.33 -5.70
N THR A 24 -1.09 17.42 -5.81
CA THR A 24 -0.38 18.66 -5.50
C THR A 24 -0.01 19.48 -6.72
N GLY A 25 -0.30 19.00 -7.93
CA GLY A 25 -0.20 19.85 -9.10
C GLY A 25 1.19 19.90 -9.72
N ALA A 26 1.26 20.66 -10.81
CA ALA A 26 2.41 20.60 -11.71
C ALA A 26 3.71 20.95 -11.00
N SER A 27 4.77 20.24 -11.39
CA SER A 27 6.08 20.39 -10.79
C SER A 27 7.13 20.09 -11.85
N ASP A 28 8.31 20.70 -11.68
CA ASP A 28 9.43 20.35 -12.55
C ASP A 28 10.03 19.00 -12.19
N GLY A 29 9.69 18.46 -11.01
CA GLY A 29 10.19 17.18 -10.60
C GLY A 29 9.34 16.04 -11.11
N PRO A 30 9.62 14.83 -10.64
CA PRO A 30 8.88 13.67 -11.14
C PRO A 30 7.47 13.62 -10.58
N THR A 31 6.65 12.79 -11.21
CA THR A 31 5.34 12.45 -10.67
C THR A 31 5.49 11.30 -9.69
N VAL A 32 4.97 11.49 -8.48
CA VAL A 32 5.14 10.56 -7.38
C VAL A 32 3.76 10.02 -7.03
N LEU A 33 3.57 8.72 -7.22
CA LEU A 33 2.28 8.05 -7.06
C LEU A 33 2.31 7.25 -5.75
N PHE A 34 1.43 7.62 -4.81
CA PHE A 34 1.38 7.04 -3.48
C PHE A 34 0.25 6.03 -3.41
N LEU A 35 0.56 4.80 -2.99
CA LEU A 35 -0.41 3.69 -2.99
C LEU A 35 -0.57 3.12 -1.58
N HIS A 36 -1.75 3.32 -1.00
CA HIS A 36 -2.11 2.79 0.32
C HIS A 36 -2.54 1.32 0.23
N GLY A 37 -2.81 0.71 1.39
CA GLY A 37 -3.30 -0.64 1.51
C GLY A 37 -4.56 -0.71 2.40
N ASN A 38 -4.72 -1.84 3.06
CA ASN A 38 -5.97 -2.15 3.75
C ASN A 38 -5.89 -1.75 5.23
N PRO A 39 -6.90 -1.06 5.81
CA PRO A 39 -8.12 -0.52 5.21
C PRO A 39 -8.04 1.00 5.20
N THR A 40 -6.97 1.54 4.60
CA THR A 40 -6.71 2.97 4.67
C THR A 40 -7.11 3.64 3.36
N SER A 41 -6.49 4.77 3.05
CA SER A 41 -6.79 5.54 1.84
C SER A 41 -5.65 6.54 1.67
N SER A 42 -5.83 7.45 0.71
CA SER A 42 -4.87 8.54 0.54
C SER A 42 -4.61 9.29 1.84
N TYR A 43 -5.56 9.28 2.76
CA TYR A 43 -5.43 9.96 4.05
C TYR A 43 -4.16 9.55 4.81
N ILE A 44 -3.71 8.31 4.65
CA ILE A 44 -2.55 7.85 5.40
C ILE A 44 -1.27 8.57 4.99
N TRP A 45 -1.27 9.23 3.84
CA TRP A 45 -0.10 9.94 3.36
C TRP A 45 -0.12 11.43 3.71
N ARG A 46 -1.11 11.88 4.50
CA ARG A 46 -1.33 13.32 4.69
C ARG A 46 -0.15 14.04 5.31
N ASN A 47 0.62 13.40 6.19
CA ASN A 47 1.76 14.05 6.83
C ASN A 47 3.06 13.77 6.11
N ILE A 48 3.02 13.00 5.03
CA ILE A 48 4.19 12.68 4.23
C ILE A 48 4.25 13.50 2.96
N ILE A 49 3.11 13.60 2.26
CA ILE A 49 3.03 14.36 1.01
C ILE A 49 3.59 15.78 1.12
N PRO A 50 3.33 16.54 2.20
CA PRO A 50 3.89 17.90 2.27
C PRO A 50 5.41 17.94 2.19
N HIS A 51 6.10 16.88 2.60
CA HIS A 51 7.55 16.85 2.46
C HIS A 51 7.99 16.58 1.03
N VAL A 52 7.14 15.95 0.22
CA VAL A 52 7.51 15.54 -1.13
C VAL A 52 7.05 16.56 -2.17
N ALA A 53 5.92 17.23 -1.89
CA ALA A 53 5.33 18.18 -2.83
C ALA A 53 6.28 19.24 -3.37
N PRO A 54 7.24 19.79 -2.60
CA PRO A 54 8.16 20.77 -3.19
C PRO A 54 9.07 20.21 -4.26
N LEU A 55 9.18 18.88 -4.37
CA LEU A 55 10.11 18.25 -5.29
C LEU A 55 9.44 17.50 -6.42
N GLY A 56 8.13 17.26 -6.35
CA GLY A 56 7.47 16.52 -7.40
C GLY A 56 5.97 16.68 -7.31
N ARG A 57 5.31 16.27 -8.38
CA ARG A 57 3.85 16.27 -8.42
C ARG A 57 3.37 15.01 -7.73
N CYS A 58 2.67 15.17 -6.62
CA CYS A 58 2.22 14.04 -5.83
C CYS A 58 0.78 13.70 -6.19
N ILE A 59 0.52 12.42 -6.42
N ILE A 59 0.51 12.42 -6.40
CA ILE A 59 -0.82 11.90 -6.72
CA ILE A 59 -0.82 11.91 -6.72
C ILE A 59 -1.05 10.74 -5.76
C ILE A 59 -1.08 10.72 -5.81
N ALA A 60 -2.13 10.80 -4.99
CA ALA A 60 -2.45 9.74 -4.04
C ALA A 60 -3.90 9.30 -4.24
N PRO A 61 -4.14 8.22 -4.98
CA PRO A 61 -5.50 7.75 -5.17
C PRO A 61 -6.03 7.00 -3.96
N ASP A 62 -7.34 7.00 -3.84
CA ASP A 62 -8.06 6.03 -3.01
C ASP A 62 -8.39 4.83 -3.91
N LEU A 63 -7.93 3.64 -3.50
CA LEU A 63 -8.25 2.45 -4.28
C LEU A 63 -9.77 2.31 -4.39
N ILE A 64 -10.22 1.64 -5.45
CA ILE A 64 -11.66 1.49 -5.65
C ILE A 64 -12.28 0.82 -4.41
N GLY A 65 -13.41 1.37 -3.95
CA GLY A 65 -14.03 0.88 -2.73
C GLY A 65 -13.45 1.40 -1.45
N PHE A 66 -12.38 2.20 -1.50
CA PHE A 66 -11.76 2.79 -0.32
C PHE A 66 -11.87 4.30 -0.37
N GLY A 67 -11.69 4.93 0.78
CA GLY A 67 -11.66 6.39 0.82
C GLY A 67 -12.92 6.98 0.23
N GLN A 68 -12.75 7.98 -0.64
CA GLN A 68 -13.87 8.62 -1.32
C GLN A 68 -14.08 8.11 -2.73
N SER A 69 -13.43 7.00 -3.09
CA SER A 69 -13.67 6.41 -4.39
C SER A 69 -15.05 5.75 -4.44
N GLY A 70 -15.50 5.43 -5.64
CA GLY A 70 -16.78 4.80 -5.81
C GLY A 70 -16.83 3.40 -5.23
N LYS A 71 -18.05 2.87 -5.16
CA LYS A 71 -18.31 1.54 -4.59
C LYS A 71 -19.07 0.68 -5.59
N PRO A 72 -18.42 0.31 -6.70
CA PRO A 72 -19.11 -0.52 -7.71
C PRO A 72 -19.37 -1.92 -7.20
N ASP A 73 -20.30 -2.60 -7.88
CA ASP A 73 -20.68 -3.98 -7.52
C ASP A 73 -19.69 -4.94 -8.16
N ILE A 74 -18.53 -5.09 -7.52
CA ILE A 74 -17.47 -5.96 -7.99
C ILE A 74 -16.97 -6.79 -6.83
N ASP A 75 -16.07 -7.74 -7.12
CA ASP A 75 -15.55 -8.62 -6.09
C ASP A 75 -14.48 -7.96 -5.23
N TYR A 76 -13.79 -6.93 -5.74
CA TYR A 76 -12.69 -6.28 -5.04
C TYR A 76 -11.52 -7.23 -4.83
N ARG A 77 -11.30 -8.14 -5.77
CA ARG A 77 -10.10 -8.96 -5.78
C ARG A 77 -8.88 -8.09 -6.12
N PHE A 78 -7.68 -8.65 -5.87
CA PHE A 78 -6.46 -7.97 -6.30
C PHE A 78 -6.53 -7.60 -7.78
N PHE A 79 -7.02 -8.51 -8.63
CA PHE A 79 -7.08 -8.22 -10.06
C PHE A 79 -8.04 -7.07 -10.38
N ASP A 80 -9.11 -6.90 -9.59
CA ASP A 80 -9.96 -5.72 -9.77
C ASP A 80 -9.20 -4.44 -9.46
N HIS A 81 -8.45 -4.43 -8.36
CA HIS A 81 -7.64 -3.27 -8.03
C HIS A 81 -6.61 -2.97 -9.11
N VAL A 82 -6.01 -4.01 -9.69
CA VAL A 82 -5.06 -3.80 -10.78
C VAL A 82 -5.73 -3.05 -11.92
N ARG A 83 -6.92 -3.51 -12.32
CA ARG A 83 -7.62 -2.92 -13.45
C ARG A 83 -8.03 -1.49 -13.16
N TYR A 84 -8.56 -1.22 -11.97
CA TYR A 84 -8.96 0.13 -11.65
C TYR A 84 -7.76 1.07 -11.54
N LEU A 85 -6.66 0.60 -10.96
CA LEU A 85 -5.48 1.46 -10.88
C LEU A 85 -4.89 1.74 -12.26
N ASP A 86 -4.85 0.72 -13.13
CA ASP A 86 -4.38 0.95 -14.50
C ASP A 86 -5.24 1.99 -15.21
N ALA A 87 -6.57 1.89 -15.04
CA ALA A 87 -7.47 2.84 -15.70
C ALA A 87 -7.35 4.23 -15.09
N PHE A 88 -7.08 4.30 -13.78
CA PHE A 88 -6.81 5.58 -13.14
C PHE A 88 -5.56 6.23 -13.74
N ILE A 89 -4.49 5.44 -13.86
CA ILE A 89 -3.25 5.95 -14.44
C ILE A 89 -3.49 6.46 -15.86
N ASP A 90 -4.22 5.68 -16.66
CA ASP A 90 -4.55 6.11 -18.03
C ASP A 90 -5.41 7.36 -18.04
N ALA A 91 -6.40 7.44 -17.14
CA ALA A 91 -7.30 8.57 -17.16
C ALA A 91 -6.60 9.88 -16.82
N LEU A 92 -5.57 9.81 -15.97
CA LEU A 92 -4.80 11.00 -15.61
C LEU A 92 -3.64 11.26 -16.55
N GLY A 93 -3.36 10.35 -17.48
CA GLY A 93 -2.23 10.55 -18.37
C GLY A 93 -0.88 10.40 -17.71
N ILE A 94 -0.81 9.68 -16.59
CA ILE A 94 0.46 9.47 -15.90
C ILE A 94 1.36 8.58 -16.73
N GLN A 95 2.64 8.96 -16.86
CA GLN A 95 3.59 8.19 -17.64
C GLN A 95 4.72 7.75 -16.72
N ASP A 96 5.88 8.39 -16.76
CA ASP A 96 6.97 8.04 -15.86
C ASP A 96 6.55 8.37 -14.43
N VAL A 97 6.91 7.50 -13.49
CA VAL A 97 6.42 7.64 -12.12
C VAL A 97 7.46 7.12 -11.13
N VAL A 98 7.50 7.77 -9.97
CA VAL A 98 8.15 7.23 -8.77
C VAL A 98 7.03 6.70 -7.90
N LEU A 99 7.11 5.42 -7.51
CA LEU A 99 6.08 4.79 -6.70
C LEU A 99 6.45 4.85 -5.23
N VAL A 100 5.46 5.16 -4.39
CA VAL A 100 5.60 5.13 -2.93
C VAL A 100 4.46 4.27 -2.42
N ALA A 101 4.78 3.18 -1.71
CA ALA A 101 3.75 2.17 -1.47
C ALA A 101 3.91 1.48 -0.13
N GLN A 102 2.79 0.99 0.40
CA GLN A 102 2.73 0.23 1.64
C GLN A 102 1.63 -0.82 1.52
N ASP A 103 1.83 -1.97 2.14
CA ASP A 103 0.77 -3.02 2.21
C ASP A 103 0.35 -3.44 0.80
N TRP A 104 -0.94 -3.62 0.52
CA TRP A 104 -1.37 -4.01 -0.82
C TRP A 104 -0.94 -3.02 -1.90
N GLY A 105 -0.69 -1.75 -1.53
CA GLY A 105 -0.12 -0.83 -2.51
C GLY A 105 1.19 -1.33 -3.08
N THR A 106 1.98 -2.04 -2.27
CA THR A 106 3.24 -2.59 -2.78
C THR A 106 3.01 -3.67 -3.83
N ALA A 107 2.02 -4.55 -3.61
CA ALA A 107 1.71 -5.56 -4.61
C ALA A 107 1.29 -4.93 -5.92
N LEU A 108 0.47 -3.86 -5.85
CA LEU A 108 0.10 -3.13 -7.05
C LEU A 108 1.33 -2.51 -7.71
N ALA A 109 2.23 -1.92 -6.91
CA ALA A 109 3.45 -1.33 -7.44
C ALA A 109 4.34 -2.37 -8.11
N PHE A 110 4.51 -3.53 -7.47
CA PHE A 110 5.38 -4.55 -8.05
C PHE A 110 4.81 -5.07 -9.37
N HIS A 111 3.49 -5.27 -9.42
CA HIS A 111 2.88 -5.79 -10.63
C HIS A 111 2.89 -4.76 -11.74
N LEU A 112 2.72 -3.48 -11.40
CA LEU A 112 2.86 -2.43 -12.40
C LEU A 112 4.27 -2.40 -12.99
N ALA A 113 5.28 -2.50 -12.12
CA ALA A 113 6.66 -2.43 -12.60
C ALA A 113 7.03 -3.65 -13.43
N ALA A 114 6.43 -4.81 -13.16
CA ALA A 114 6.72 -6.01 -13.94
C ALA A 114 6.22 -5.88 -15.37
N ARG A 115 5.10 -5.18 -15.57
CA ARG A 115 4.50 -5.02 -16.88
C ARG A 115 5.00 -3.79 -17.62
N ARG A 116 5.33 -2.73 -16.90
CA ARG A 116 5.70 -1.44 -17.50
C ARG A 116 6.99 -0.92 -16.88
N PRO A 117 8.09 -1.66 -17.00
CA PRO A 117 9.33 -1.22 -16.36
C PRO A 117 9.84 0.10 -16.88
N ASP A 118 9.55 0.39 -18.15
N ASP A 118 9.60 0.46 -18.14
CA ASP A 118 9.93 1.66 -18.78
CA ASP A 118 10.18 1.72 -18.61
C ASP A 118 9.55 2.85 -17.93
C ASP A 118 9.44 2.96 -18.10
N ARG A 119 8.37 2.80 -17.32
CA ARG A 119 7.78 3.94 -16.65
C ARG A 119 8.22 4.12 -15.21
N VAL A 120 8.74 3.07 -14.57
CA VAL A 120 9.04 3.12 -13.14
C VAL A 120 10.44 3.69 -12.95
N ARG A 121 10.52 4.88 -12.36
N ARG A 121 10.52 4.89 -12.37
CA ARG A 121 11.78 5.55 -12.14
CA ARG A 121 11.77 5.56 -12.14
C ARG A 121 12.34 5.32 -10.75
C ARG A 121 12.33 5.35 -10.74
N GLY A 122 11.53 4.82 -9.83
CA GLY A 122 11.99 4.58 -8.48
C GLY A 122 10.85 4.03 -7.66
N LEU A 123 11.21 3.44 -6.53
CA LEU A 123 10.23 2.81 -5.63
C LEU A 123 10.65 3.04 -4.19
N ALA A 124 9.79 3.69 -3.41
CA ALA A 124 9.95 3.77 -1.96
C ALA A 124 8.84 2.93 -1.36
N PHE A 125 9.19 1.98 -0.50
CA PHE A 125 8.20 1.00 -0.07
C PHE A 125 8.49 0.53 1.36
N MET A 126 7.49 -0.14 1.92
CA MET A 126 7.55 -0.59 3.30
C MET A 126 6.44 -1.58 3.52
N GLU A 127 6.66 -2.52 4.43
CA GLU A 127 5.59 -3.42 4.90
C GLU A 127 4.84 -4.01 3.72
N PHE A 128 5.60 -4.72 2.88
CA PHE A 128 5.18 -5.14 1.56
C PHE A 128 4.63 -6.57 1.57
N ILE A 129 3.93 -6.91 0.48
CA ILE A 129 3.35 -8.24 0.28
C ILE A 129 4.32 -9.10 -0.52
N ARG A 130 4.58 -10.31 -0.02
N ARG A 130 4.60 -10.30 -0.01
CA ARG A 130 5.37 -11.30 -0.72
CA ARG A 130 5.37 -11.30 -0.72
C ARG A 130 4.66 -12.64 -0.55
C ARG A 130 4.67 -12.65 -0.54
N PRO A 131 4.85 -13.58 -1.48
CA PRO A 131 4.29 -14.92 -1.27
C PRO A 131 4.82 -15.52 0.02
N MET A 132 3.92 -16.12 0.78
CA MET A 132 4.25 -16.66 2.09
C MET A 132 4.02 -18.16 2.08
N PRO A 133 5.07 -18.98 2.01
CA PRO A 133 4.87 -20.43 1.88
C PRO A 133 4.14 -21.08 3.05
N THR A 134 4.27 -20.54 4.25
CA THR A 134 3.58 -21.06 5.42
C THR A 134 3.03 -19.90 6.23
N TRP A 135 2.15 -20.22 7.17
CA TRP A 135 1.56 -19.20 8.02
C TRP A 135 2.62 -18.53 8.90
N ASP A 136 3.69 -19.25 9.23
CA ASP A 136 4.78 -18.63 9.98
C ASP A 136 5.42 -17.48 9.21
N ASP A 137 5.29 -17.47 7.89
CA ASP A 137 5.83 -16.38 7.08
C ASP A 137 4.90 -15.17 7.03
N PHE A 138 3.70 -15.27 7.59
CA PHE A 138 2.80 -14.13 7.70
C PHE A 138 2.97 -13.53 9.08
N HIS A 139 3.29 -12.24 9.13
CA HIS A 139 3.36 -11.50 10.39
C HIS A 139 4.47 -12.04 11.28
N GLN A 140 4.46 -11.62 12.55
CA GLN A 140 5.46 -12.05 13.52
C GLN A 140 4.87 -12.48 14.85
N ARG A 141 3.59 -12.20 15.11
CA ARG A 141 2.98 -12.57 16.38
C ARG A 141 1.94 -13.65 16.16
N PRO A 142 1.95 -14.73 16.95
CA PRO A 142 1.00 -15.83 16.72
C PRO A 142 -0.45 -15.42 16.83
N GLN A 143 -0.78 -14.47 17.71
CA GLN A 143 -2.16 -14.02 17.84
C GLN A 143 -2.63 -13.31 16.57
N ALA A 144 -1.73 -12.64 15.86
CA ALA A 144 -2.09 -12.05 14.58
C ALA A 144 -2.37 -13.13 13.54
N ARG A 145 -1.60 -14.21 13.54
CA ARG A 145 -1.85 -15.29 12.59
C ARG A 145 -3.23 -15.90 12.81
N GLU A 146 -3.61 -16.09 14.07
CA GLU A 146 -4.92 -16.67 14.36
C GLU A 146 -6.04 -15.75 13.90
N MET A 147 -5.87 -14.44 14.05
CA MET A 147 -6.90 -13.50 13.63
C MET A 147 -7.09 -13.51 12.12
N PHE A 148 -5.98 -13.54 11.37
CA PHE A 148 -6.10 -13.53 9.92
C PHE A 148 -6.56 -14.88 9.37
N LYS A 149 -6.26 -15.98 10.08
CA LYS A 149 -6.89 -17.25 9.74
C LYS A 149 -8.41 -17.15 9.87
N ALA A 150 -8.89 -16.45 10.90
CA ALA A 150 -10.32 -16.25 11.08
C ALA A 150 -10.91 -15.38 9.98
N PHE A 151 -10.24 -14.26 9.65
CA PHE A 151 -10.69 -13.42 8.55
C PHE A 151 -10.86 -14.23 7.27
N ARG A 152 -9.95 -15.17 7.04
CA ARG A 152 -9.97 -15.99 5.83
C ARG A 152 -10.95 -17.16 5.90
N THR A 153 -11.64 -17.32 7.02
CA THR A 153 -12.59 -18.41 7.16
C THR A 153 -13.98 -17.93 6.77
N PRO A 154 -14.69 -18.65 5.89
CA PRO A 154 -16.05 -18.22 5.52
C PRO A 154 -16.94 -18.11 6.74
N GLY A 155 -17.86 -17.15 6.70
CA GLY A 155 -18.78 -16.92 7.79
C GLY A 155 -18.15 -16.15 8.94
N VAL A 156 -17.04 -16.67 9.46
CA VAL A 156 -16.35 -16.00 10.56
C VAL A 156 -15.83 -14.63 10.13
N GLY A 157 -15.14 -14.58 8.98
CA GLY A 157 -14.60 -13.32 8.52
C GLY A 157 -15.69 -12.30 8.24
N GLU A 158 -16.82 -12.74 7.71
CA GLU A 158 -17.95 -11.84 7.47
C GLU A 158 -18.43 -11.22 8.77
N LYS A 159 -18.57 -12.04 9.82
CA LYS A 159 -19.01 -11.50 11.11
C LYS A 159 -18.01 -10.49 11.66
N MET A 160 -16.71 -10.83 11.61
CA MET A 160 -15.71 -9.95 12.21
C MET A 160 -15.55 -8.65 11.43
N ILE A 161 -15.44 -8.75 10.11
CA ILE A 161 -15.11 -7.59 9.31
C ILE A 161 -16.34 -6.83 8.81
N LEU A 162 -17.36 -7.54 8.32
CA LEU A 162 -18.53 -6.85 7.81
C LEU A 162 -19.46 -6.39 8.92
N GLU A 163 -19.72 -7.27 9.89
CA GLU A 163 -20.69 -6.92 10.92
C GLU A 163 -20.06 -6.08 12.03
N ASP A 164 -18.92 -6.53 12.56
CA ASP A 164 -18.30 -5.86 13.69
C ASP A 164 -17.25 -4.83 13.29
N ASN A 165 -16.85 -4.79 12.02
CA ASN A 165 -15.93 -3.75 11.52
C ASN A 165 -14.59 -3.75 12.26
N VAL A 166 -14.13 -4.95 12.66
CA VAL A 166 -12.95 -5.02 13.53
C VAL A 166 -11.67 -4.60 12.82
N PHE A 167 -11.59 -4.73 11.50
CA PHE A 167 -10.35 -4.34 10.82
C PHE A 167 -10.14 -2.83 10.96
N VAL A 168 -11.18 -2.06 10.71
CA VAL A 168 -11.09 -0.61 10.82
C VAL A 168 -10.98 -0.19 12.28
N GLU A 169 -11.81 -0.78 13.15
CA GLU A 169 -11.93 -0.29 14.51
C GLU A 169 -10.85 -0.81 15.45
N LYS A 170 -10.23 -1.95 15.15
CA LYS A 170 -9.27 -2.54 16.07
C LYS A 170 -7.92 -2.84 15.44
N VAL A 171 -7.91 -3.46 14.25
CA VAL A 171 -6.64 -3.86 13.65
C VAL A 171 -5.83 -2.64 13.26
N LEU A 172 -6.48 -1.66 12.61
CA LEU A 172 -5.78 -0.44 12.18
C LEU A 172 -5.14 0.29 13.35
N PRO A 173 -5.88 0.75 14.37
CA PRO A 173 -5.20 1.43 15.49
C PRO A 173 -4.28 0.51 16.24
N GLY A 174 -4.54 -0.80 16.22
CA GLY A 174 -3.67 -1.74 16.90
C GLY A 174 -2.28 -1.87 16.31
N SER A 175 -2.09 -1.49 15.05
CA SER A 175 -0.79 -1.58 14.41
C SER A 175 -0.15 -0.21 14.18
N VAL A 176 -0.51 0.74 15.05
CA VAL A 176 0.12 2.05 15.19
C VAL A 176 0.59 2.14 16.64
N LEU A 177 1.83 2.60 16.86
CA LEU A 177 2.31 2.74 18.24
C LEU A 177 1.63 3.91 18.94
N ARG A 178 1.58 5.07 18.30
CA ARG A 178 0.88 6.19 18.90
C ARG A 178 -0.63 5.91 18.88
N THR A 179 -1.36 6.73 19.62
CA THR A 179 -2.82 6.65 19.65
C THR A 179 -3.40 7.51 18.53
N LEU A 180 -4.19 6.90 17.65
CA LEU A 180 -4.92 7.69 16.68
C LEU A 180 -6.05 8.42 17.40
N SER A 181 -6.22 9.70 17.09
CA SER A 181 -7.22 10.50 17.76
C SER A 181 -8.62 10.09 17.34
N GLU A 182 -9.61 10.52 18.12
CA GLU A 182 -11.00 10.23 17.75
C GLU A 182 -11.35 10.85 16.40
N GLU A 183 -10.80 12.01 16.07
CA GLU A 183 -11.09 12.62 14.76
C GLU A 183 -10.40 11.87 13.63
N GLU A 184 -9.17 11.40 13.85
CA GLU A 184 -8.50 10.57 12.84
C GLU A 184 -9.28 9.28 12.60
N MET A 185 -9.76 8.64 13.69
CA MET A 185 -10.53 7.42 13.52
C MET A 185 -11.83 7.67 12.79
N ALA A 186 -12.45 8.84 13.00
CA ALA A 186 -13.68 9.15 12.28
C ALA A 186 -13.43 9.23 10.78
N VAL A 187 -12.27 9.76 10.37
CA VAL A 187 -11.93 9.77 8.95
C VAL A 187 -11.74 8.35 8.44
N TYR A 188 -10.96 7.54 9.16
CA TYR A 188 -10.69 6.19 8.71
C TYR A 188 -11.96 5.34 8.65
N ARG A 189 -12.94 5.60 9.53
CA ARG A 189 -14.19 4.85 9.51
C ARG A 189 -15.18 5.34 8.46
N ALA A 190 -15.00 6.57 7.97
CA ALA A 190 -16.01 7.18 7.09
C ALA A 190 -16.36 6.37 5.84
N PRO A 191 -15.41 5.71 5.16
CA PRO A 191 -15.79 4.95 3.95
C PRO A 191 -16.61 3.71 4.24
N PHE A 192 -16.75 3.31 5.50
CA PHE A 192 -17.24 1.97 5.86
C PHE A 192 -18.41 2.03 6.84
N PRO A 193 -19.50 2.71 6.48
CA PRO A 193 -20.63 2.82 7.43
C PRO A 193 -21.49 1.59 7.53
N THR A 194 -21.45 0.66 6.57
CA THR A 194 -22.38 -0.46 6.50
C THR A 194 -21.61 -1.75 6.27
N PRO A 195 -22.20 -2.89 6.65
CA PRO A 195 -21.59 -4.19 6.30
C PRO A 195 -21.23 -4.31 4.82
N GLU A 196 -22.15 -3.92 3.93
CA GLU A 196 -21.89 -4.02 2.49
C GLU A 196 -20.68 -3.19 2.07
N SER A 197 -20.53 -1.99 2.63
CA SER A 197 -19.40 -1.14 2.27
C SER A 197 -18.06 -1.74 2.69
N ARG A 198 -18.07 -2.69 3.60
CA ARG A 198 -16.83 -3.28 4.12
C ARG A 198 -16.35 -4.47 3.31
N LYS A 199 -17.05 -4.80 2.22
CA LYS A 199 -16.68 -5.94 1.35
C LYS A 199 -15.20 -5.86 0.90
N PRO A 200 -14.68 -4.71 0.43
CA PRO A 200 -13.28 -4.64 -0.01
C PRO A 200 -12.30 -4.94 1.13
N VAL A 201 -12.68 -4.59 2.37
CA VAL A 201 -11.81 -4.80 3.52
C VAL A 201 -11.73 -6.28 3.86
N LEU A 202 -12.82 -7.03 3.65
CA LEU A 202 -12.79 -8.45 3.90
C LEU A 202 -12.10 -9.21 2.77
N ARG A 203 -12.22 -8.75 1.52
CA ARG A 203 -11.64 -9.49 0.40
C ARG A 203 -10.11 -9.46 0.44
N PHE A 204 -9.52 -8.32 0.81
CA PHE A 204 -8.07 -8.21 0.80
C PHE A 204 -7.36 -9.30 1.60
N PRO A 205 -7.68 -9.57 2.88
CA PRO A 205 -6.95 -10.64 3.58
C PRO A 205 -7.14 -12.00 2.95
N ARG A 206 -8.26 -12.21 2.26
CA ARG A 206 -8.51 -13.46 1.53
C ARG A 206 -7.74 -13.53 0.22
N GLU A 207 -7.11 -12.44 -0.19
CA GLU A 207 -6.24 -12.45 -1.37
C GLU A 207 -4.77 -12.69 -1.02
N LEU A 208 -4.39 -12.61 0.25
CA LEU A 208 -2.99 -12.76 0.63
C LEU A 208 -2.50 -14.13 0.19
N PRO A 209 -1.35 -14.21 -0.50
CA PRO A 209 -0.85 -15.52 -0.94
C PRO A 209 -0.16 -16.25 0.21
N ILE A 210 -0.90 -17.13 0.87
CA ILE A 210 -0.40 -17.87 2.02
C ILE A 210 -0.59 -19.36 1.72
N GLU A 211 0.50 -20.12 1.85
CA GLU A 211 0.51 -21.54 1.53
C GLU A 211 0.05 -21.79 0.09
N GLY A 212 0.36 -20.84 -0.80
CA GLY A 212 0.05 -20.98 -2.19
C GLY A 212 -1.39 -20.67 -2.58
N GLU A 213 -2.20 -20.15 -1.65
CA GLU A 213 -3.59 -19.87 -1.94
C GLU A 213 -3.94 -18.45 -1.51
N PRO A 214 -4.70 -17.71 -2.34
CA PRO A 214 -5.19 -18.17 -3.65
C PRO A 214 -4.07 -18.29 -4.68
N ALA A 215 -4.14 -19.34 -5.49
CA ALA A 215 -3.04 -19.67 -6.39
C ALA A 215 -2.83 -18.61 -7.46
N ASP A 216 -3.91 -17.95 -7.90
CA ASP A 216 -3.73 -16.93 -8.94
C ASP A 216 -2.95 -15.72 -8.42
N VAL A 217 -3.26 -15.24 -7.21
CA VAL A 217 -2.50 -14.14 -6.65
C VAL A 217 -1.06 -14.57 -6.38
N ALA A 218 -0.87 -15.79 -5.86
CA ALA A 218 0.46 -16.26 -5.55
C ALA A 218 1.35 -16.26 -6.79
N ALA A 219 0.82 -16.75 -7.91
CA ALA A 219 1.64 -16.83 -9.13
C ALA A 219 1.97 -15.44 -9.66
N ILE A 220 1.01 -14.52 -9.63
CA ILE A 220 1.25 -13.18 -10.15
C ILE A 220 2.26 -12.43 -9.30
N LEU A 221 2.18 -12.61 -7.97
CA LEU A 221 3.12 -11.91 -7.11
C LEU A 221 4.50 -12.57 -7.09
N GLU A 222 4.56 -13.89 -7.27
CA GLU A 222 5.87 -14.52 -7.46
C GLU A 222 6.56 -13.94 -8.68
N SER A 223 5.83 -13.79 -9.78
CA SER A 223 6.41 -13.21 -10.99
C SER A 223 6.81 -11.76 -10.75
N ALA A 224 5.96 -10.98 -10.06
CA ALA A 224 6.30 -9.59 -9.80
C ALA A 224 7.57 -9.49 -8.98
N HIS A 225 7.77 -10.41 -8.05
CA HIS A 225 8.99 -10.39 -7.24
C HIS A 225 10.22 -10.77 -8.03
N ARG A 226 10.10 -11.67 -9.02
CA ARG A 226 11.24 -11.93 -9.90
C ARG A 226 11.63 -10.67 -10.66
N ALA A 227 10.63 -9.95 -11.20
CA ALA A 227 10.95 -8.70 -11.89
C ALA A 227 11.59 -7.70 -10.95
N LEU A 228 11.08 -7.59 -9.72
CA LEU A 228 11.64 -6.64 -8.76
C LEU A 228 13.10 -6.97 -8.46
N ALA A 229 13.42 -8.25 -8.31
CA ALA A 229 14.79 -8.66 -8.02
C ALA A 229 15.75 -8.32 -9.15
N ALA A 230 15.28 -8.35 -10.39
CA ALA A 230 16.16 -8.05 -11.52
C ALA A 230 16.24 -6.55 -11.79
N SER A 231 15.29 -5.77 -11.30
CA SER A 231 15.16 -4.37 -11.71
C SER A 231 16.33 -3.53 -11.19
N THR A 232 16.62 -2.45 -11.91
CA THR A 232 17.77 -1.62 -11.59
C THR A 232 17.40 -0.22 -11.11
N TYR A 233 16.10 0.13 -11.06
CA TYR A 233 15.75 1.47 -10.65
C TYR A 233 16.02 1.66 -9.15
N PRO A 234 16.24 2.89 -8.71
CA PRO A 234 16.55 3.11 -7.30
C PRO A 234 15.36 2.80 -6.39
N LYS A 235 15.68 2.29 -5.21
CA LYS A 235 14.69 1.84 -4.25
C LYS A 235 15.06 2.30 -2.84
N LEU A 236 14.03 2.59 -2.06
CA LEU A 236 14.15 2.85 -0.63
C LEU A 236 13.20 1.88 0.07
N LEU A 237 13.73 1.10 1.01
CA LEU A 237 12.91 0.23 1.84
C LEU A 237 12.93 0.77 3.26
N PHE A 238 11.77 1.18 3.76
CA PHE A 238 11.62 1.60 5.15
C PHE A 238 11.15 0.41 5.98
N ALA A 239 11.67 0.30 7.21
CA ALA A 239 11.30 -0.80 8.08
C ALA A 239 11.22 -0.31 9.52
N GLY A 240 10.29 -0.89 10.28
CA GLY A 240 10.16 -0.62 11.69
C GLY A 240 10.62 -1.80 12.52
N ASP A 241 10.70 -1.57 13.83
CA ASP A 241 11.08 -2.61 14.78
C ASP A 241 9.95 -2.70 15.80
N PRO A 242 9.22 -3.82 15.88
CA PRO A 242 9.45 -5.08 15.17
C PRO A 242 8.85 -5.12 13.77
N GLY A 243 8.12 -4.09 13.37
CA GLY A 243 7.37 -4.21 12.14
C GLY A 243 6.19 -5.15 12.33
N ALA A 244 5.62 -5.58 11.20
CA ALA A 244 4.49 -6.50 11.23
C ALA A 244 4.64 -7.57 10.14
N LEU A 245 4.45 -7.19 8.88
CA LEU A 245 4.69 -8.13 7.79
C LEU A 245 6.16 -8.43 7.60
N ILE A 246 7.04 -7.48 7.92
CA ILE A 246 8.47 -7.55 7.61
C ILE A 246 9.24 -7.33 8.90
N SER A 247 10.01 -8.32 9.31
CA SER A 247 10.88 -8.17 10.47
C SER A 247 12.11 -7.36 10.10
N PRO A 248 12.79 -6.75 11.09
CA PRO A 248 14.03 -6.03 10.77
C PRO A 248 15.04 -6.89 10.04
N GLN A 249 15.17 -8.15 10.44
CA GLN A 249 16.12 -9.05 9.81
C GLN A 249 15.70 -9.36 8.37
N ALA A 250 14.41 -9.57 8.13
CA ALA A 250 13.94 -9.82 6.77
C ALA A 250 14.14 -8.60 5.89
N ALA A 251 13.92 -7.40 6.44
CA ALA A 251 14.13 -6.18 5.66
C ALA A 251 15.59 -6.02 5.27
N GLU A 252 16.51 -6.29 6.21
CA GLU A 252 17.92 -6.14 5.89
C GLU A 252 18.33 -7.10 4.77
N ARG A 253 17.88 -8.35 4.85
N ARG A 253 17.89 -8.35 4.84
CA ARG A 253 18.18 -9.33 3.82
CA ARG A 253 18.22 -9.31 3.79
C ARG A 253 17.58 -8.92 2.47
C ARG A 253 17.59 -8.92 2.46
N PHE A 254 16.33 -8.46 2.48
CA PHE A 254 15.66 -8.09 1.24
C PHE A 254 16.35 -6.92 0.56
N ALA A 255 16.68 -5.86 1.32
CA ALA A 255 17.36 -4.71 0.75
C ALA A 255 18.76 -5.06 0.28
N ALA A 256 19.43 -5.99 0.96
CA ALA A 256 20.78 -6.38 0.55
C ALA A 256 20.76 -7.10 -0.79
N ASN A 257 19.72 -7.91 -1.05
CA ASN A 257 19.65 -8.73 -2.25
C ASN A 257 19.07 -7.99 -3.44
N LEU A 258 18.21 -7.00 -3.23
CA LEU A 258 17.76 -6.16 -4.33
C LEU A 258 18.91 -5.31 -4.86
N LYS A 259 18.78 -4.86 -6.10
CA LYS A 259 19.72 -3.91 -6.68
C LYS A 259 19.30 -2.48 -6.39
N ASN A 260 20.28 -1.63 -6.09
CA ASN A 260 20.04 -0.20 -5.98
CA ASN A 260 20.07 -0.19 -5.95
C ASN A 260 19.04 0.13 -4.88
N CYS A 261 19.09 -0.61 -3.78
CA CYS A 261 18.12 -0.47 -2.69
C CYS A 261 18.80 -0.04 -1.40
N ARG A 262 18.32 1.06 -0.83
CA ARG A 262 18.79 1.57 0.46
C ARG A 262 17.76 1.23 1.54
N LEU A 263 18.24 0.71 2.66
CA LEU A 263 17.39 0.36 3.80
C LEU A 263 17.38 1.51 4.80
N ILE A 264 16.17 1.89 5.24
CA ILE A 264 15.98 2.91 6.27
C ILE A 264 15.30 2.24 7.46
N ASN A 265 16.05 2.03 8.55
CA ASN A 265 15.48 1.51 9.79
C ASN A 265 14.92 2.68 10.59
N LEU A 266 13.60 2.75 10.70
CA LEU A 266 12.95 3.91 11.30
C LEU A 266 12.96 3.89 12.81
N GLY A 267 13.18 2.74 13.44
CA GLY A 267 13.03 2.61 14.87
C GLY A 267 11.72 1.92 15.22
N PRO A 268 11.27 2.09 16.47
CA PRO A 268 10.04 1.42 16.91
C PRO A 268 8.87 1.68 15.97
N GLY A 269 8.23 0.62 15.53
CA GLY A 269 7.13 0.74 14.59
C GLY A 269 6.50 -0.60 14.33
N LEU A 270 5.25 -0.56 13.86
CA LEU A 270 4.48 -1.76 13.55
C LEU A 270 4.17 -1.76 12.07
N HIS A 271 2.90 -1.84 11.68
CA HIS A 271 2.59 -1.92 10.25
C HIS A 271 2.41 -0.55 9.61
N TYR A 272 1.60 0.32 10.22
CA TYR A 272 1.22 1.60 9.60
C TYR A 272 2.27 2.65 9.95
N LEU A 273 3.44 2.47 9.34
CA LEU A 273 4.63 3.26 9.72
C LEU A 273 4.43 4.74 9.46
N GLN A 274 3.57 5.10 8.50
CA GLN A 274 3.31 6.51 8.20
C GLN A 274 2.76 7.24 9.41
N GLU A 275 2.04 6.54 10.29
CA GLU A 275 1.42 7.20 11.43
C GLU A 275 2.39 7.40 12.58
N ASP A 276 3.49 6.67 12.61
CA ASP A 276 4.51 6.82 13.64
C ASP A 276 5.75 7.57 13.19
N HIS A 277 6.01 7.64 11.87
CA HIS A 277 7.25 8.24 11.37
C HIS A 277 7.03 9.13 10.16
N PRO A 278 6.02 10.01 10.14
CA PRO A 278 5.78 10.77 8.89
C PRO A 278 6.93 11.68 8.49
N ASP A 279 7.56 12.37 9.44
CA ASP A 279 8.66 13.26 9.07
C ASP A 279 9.85 12.48 8.53
N ALA A 280 10.23 11.40 9.20
CA ALA A 280 11.38 10.64 8.73
C ALA A 280 11.12 10.05 7.35
N ILE A 281 9.91 9.54 7.11
CA ILE A 281 9.61 8.98 5.79
C ILE A 281 9.61 10.09 4.74
N GLY A 282 8.91 11.19 5.03
CA GLY A 282 8.80 12.26 4.05
C GLY A 282 10.14 12.93 3.76
N ARG A 283 10.90 13.24 4.82
CA ARG A 283 12.20 13.88 4.61
C ARG A 283 13.15 12.97 3.87
N THR A 284 13.12 11.67 4.16
CA THR A 284 14.00 10.74 3.47
C THR A 284 13.65 10.64 1.98
N ILE A 285 12.35 10.55 1.66
CA ILE A 285 11.95 10.54 0.26
C ILE A 285 12.38 11.82 -0.42
N ALA A 286 12.18 12.96 0.25
CA ALA A 286 12.56 14.24 -0.33
C ALA A 286 14.05 14.33 -0.61
N GLY A 287 14.88 13.78 0.27
CA GLY A 287 16.32 13.81 0.04
C GLY A 287 16.78 12.84 -1.03
N TRP A 288 15.95 11.86 -1.36
CA TRP A 288 16.29 10.81 -2.31
C TRP A 288 15.82 11.14 -3.72
N LEU A 289 14.72 11.86 -3.86
CA LEU A 289 14.23 12.24 -5.19
C LEU A 289 15.26 12.94 -6.07
N PRO A 290 16.09 13.86 -5.58
CA PRO A 290 17.12 14.45 -6.45
C PRO A 290 18.07 13.43 -7.05
N GLU A 291 18.27 12.28 -6.42
CA GLU A 291 19.05 11.21 -7.05
C GLU A 291 18.35 10.70 -8.31
N ILE A 292 17.01 10.68 -8.30
CA ILE A 292 16.25 10.21 -9.44
C ILE A 292 16.28 11.24 -10.57
N ALA A 293 16.03 12.51 -10.24
CA ALA A 293 16.03 13.57 -11.23
C ALA A 293 17.46 13.89 -11.68
C3' NHE B . -0.67 -6.60 9.40
C2' NHE B . -0.81 -6.43 7.89
C1' NHE B . -2.26 -6.15 7.51
C6' NHE B . -2.74 -4.87 8.20
N NHE B . -2.41 -6.02 6.06
C1 NHE B . -2.07 -7.23 5.32
C2 NHE B . -2.88 -7.24 4.03
S NHE B . -4.61 -7.59 4.44
O1 NHE B . -5.11 -6.35 5.33
O2 NHE B . -4.63 -9.00 5.27
O3 NHE B . -5.46 -7.69 3.05
C5' NHE B . -2.61 -4.97 9.72
C4' NHE B . -1.21 -5.39 10.17
C3' NHE C . -2.97 15.48 1.78
C2' NHE C . -4.12 15.63 2.77
C1' NHE C . -5.31 14.75 2.38
C6' NHE C . -4.91 13.29 2.34
N NHE C . -6.41 14.95 3.33
C1 NHE C . -7.46 15.73 2.69
C2 NHE C . -7.21 17.23 2.83
S NHE C . -7.52 18.06 1.24
O1 NHE C . -7.01 19.63 1.33
O2 NHE C . -6.70 17.27 0.04
O3 NHE C . -9.13 18.02 0.89
C5' NHE C . -3.74 13.04 1.39
C4' NHE C . -2.57 14.02 1.55
#